data_5SLE
#
_entry.id   5SLE
#
_cell.length_a   67.651
_cell.length_b   68.431
_cell.length_c   138.191
_cell.angle_alpha   90.000
_cell.angle_beta   90.000
_cell.angle_gamma   90.000
#
_symmetry.space_group_name_H-M   'P 21 21 21'
#
loop_
_entity.id
_entity.type
_entity.pdbx_description
1 polymer 'Proofreading exoribonuclease nsp14'
2 non-polymer 'ZINC ION'
3 non-polymer 'PHOSPHATE ION'
4 non-polymer "N-ethyl-N'-(5-methyl-1,2-oxazol-3-yl)urea"
5 water water
#
_entity_poly.entity_id   1
_entity_poly.type   'polypeptide(L)'
_entity_poly.pdbx_seq_one_letter_code
;SMLFKDCSKVITGLHPTQAPTHLSVDTKFKTEGLCVDIPGIPKDMTYRRLISMMGFKMNYQVNGYPNMFITREEAIRHVR
AWIGFDVEGCHATREAVGTNLPLQLGFSTGVNLVAVPTGYVDTPNNTDFSRVSAKPPPGDQFKHLIPLMYKGLPWNVVRI
KIVQMLSDTLKNLSDRVVFVLWAHGFELTSMKYFVKIGPERTCCLCDRRATCFSTASDTYACWHHSIGFDYVYNPFMIDV
QQWGFTGNLQSNHDLYCQVHGNAHVASCDAIMTRCLAVHECFVKRVDWTIEYPIIGDELKINAACRKVQHMVVKAALLAD
KFPVLHDIGNPKAIKCVPQADVEWKFYDAQPCSDKAYKIEELFYSYATHSDKFTDGVCLFWNCNVDRYPANSIVCRFDTR
VLSNLNLPGCDGGSLYVNKHAFHTPAFDKSAFVNLKQLPFFYYSDSPCESHGKQVVSDIDYVPLKSATCITRCNLGGAVC
RHHANEYRLYLDAYNMMISAGFSLWVYKQFDTYNLWNTFTRLQ
;
_entity_poly.pdbx_strand_id   D
#
loop_
_chem_comp.id
_chem_comp.type
_chem_comp.name
_chem_comp.formula
JGA non-polymer N-ethyl-N'-(5-methyl-1,2-oxazol-3-yl)urea 'C7 H11 N3 O2'
PO4 non-polymer 'PHOSPHATE ION' 'O4 P -3'
ZN non-polymer 'ZINC ION' 'Zn 2'
#
# COMPACT_ATOMS: atom_id res chain seq x y z
N PRO A 20 -16.33 -18.18 -13.76
CA PRO A 20 -16.83 -17.95 -12.40
C PRO A 20 -16.25 -16.67 -11.80
N THR A 21 -16.58 -15.52 -12.44
CA THR A 21 -16.13 -14.18 -12.05
C THR A 21 -16.40 -13.88 -10.56
N HIS A 22 -17.65 -14.07 -10.12
CA HIS A 22 -18.02 -13.81 -8.73
C HIS A 22 -18.15 -15.10 -7.89
N LEU A 23 -18.33 -14.96 -6.57
CA LEU A 23 -18.48 -16.07 -5.66
C LEU A 23 -19.94 -16.52 -5.73
N SER A 24 -20.20 -17.78 -6.09
CA SER A 24 -21.57 -18.29 -6.16
C SER A 24 -22.25 -18.22 -4.80
N VAL A 25 -23.51 -17.77 -4.77
CA VAL A 25 -24.24 -17.75 -3.51
C VAL A 25 -24.52 -19.16 -3.01
N ASP A 26 -24.52 -20.17 -3.92
CA ASP A 26 -24.75 -21.54 -3.53
C ASP A 26 -23.48 -22.26 -3.03
N THR A 27 -22.35 -21.55 -2.91
CA THR A 27 -21.12 -22.07 -2.33
C THR A 27 -21.36 -22.30 -0.83
N LYS A 28 -20.74 -23.34 -0.27
CA LYS A 28 -20.88 -23.65 1.13
C LYS A 28 -20.08 -22.67 1.98
N PHE A 29 -20.60 -22.38 3.16
CA PHE A 29 -19.95 -21.50 4.11
C PHE A 29 -19.82 -22.32 5.39
N LYS A 30 -18.58 -22.49 5.90
CA LYS A 30 -18.33 -23.25 7.11
C LYS A 30 -18.78 -22.41 8.30
N THR A 31 -19.69 -22.93 9.10
CA THR A 31 -20.27 -22.18 10.22
C THR A 31 -19.69 -22.47 11.61
N GLU A 32 -18.64 -23.29 11.70
CA GLU A 32 -18.04 -23.65 12.99
C GLU A 32 -17.55 -22.43 13.83
N GLY A 33 -16.99 -21.44 13.16
CA GLY A 33 -16.54 -20.22 13.83
C GLY A 33 -17.65 -19.33 14.34
N LEU A 34 -18.90 -19.58 13.90
CA LEU A 34 -20.09 -18.80 14.26
C LEU A 34 -20.87 -19.36 15.45
N CYS A 35 -20.62 -20.62 15.83
CA CYS A 35 -21.47 -21.30 16.81
C CYS A 35 -21.34 -20.88 18.31
N VAL A 36 -20.36 -20.08 18.72
CA VAL A 36 -20.34 -19.64 20.14
C VAL A 36 -21.31 -18.46 20.27
N ASP A 37 -21.26 -17.48 19.32
CA ASP A 37 -22.24 -16.39 19.28
C ASP A 37 -23.61 -16.85 18.79
N ILE A 38 -23.66 -17.88 17.93
CA ILE A 38 -24.92 -18.40 17.40
C ILE A 38 -25.04 -19.91 17.65
N PRO A 39 -25.32 -20.32 18.89
CA PRO A 39 -25.47 -21.76 19.17
C PRO A 39 -26.64 -22.38 18.41
N GLY A 40 -26.43 -23.60 17.91
CA GLY A 40 -27.42 -24.30 17.11
C GLY A 40 -27.32 -24.01 15.63
N ILE A 41 -26.36 -23.17 15.20
CA ILE A 41 -26.23 -22.83 13.78
C ILE A 41 -26.07 -24.08 12.89
N PRO A 42 -26.86 -24.19 11.81
CA PRO A 42 -26.75 -25.37 10.95
C PRO A 42 -25.36 -25.50 10.37
N LYS A 43 -24.85 -26.72 10.34
CA LYS A 43 -23.57 -27.00 9.74
C LYS A 43 -23.67 -26.81 8.20
N ASP A 44 -24.79 -27.23 7.63
CA ASP A 44 -25.05 -27.10 6.21
C ASP A 44 -25.52 -25.69 5.96
N MET A 45 -24.66 -24.89 5.30
CA MET A 45 -24.97 -23.50 5.08
C MET A 45 -24.37 -22.99 3.76
N THR A 46 -25.13 -22.20 3.01
CA THR A 46 -24.63 -21.55 1.78
C THR A 46 -24.62 -20.04 2.02
N TYR A 47 -23.99 -19.27 1.11
CA TYR A 47 -24.03 -17.82 1.21
C TYR A 47 -25.47 -17.32 1.06
N ARG A 48 -26.29 -17.99 0.22
CA ARG A 48 -27.69 -17.68 -0.04
C ARG A 48 -28.47 -17.71 1.27
N ARG A 49 -28.30 -18.79 2.06
CA ARG A 49 -28.95 -18.93 3.34
C ARG A 49 -28.38 -18.02 4.43
N LEU A 50 -27.05 -17.80 4.42
CA LEU A 50 -26.41 -16.92 5.38
C LEU A 50 -26.86 -15.47 5.19
N ILE A 51 -26.86 -14.95 3.95
CA ILE A 51 -27.28 -13.57 3.64
C ILE A 51 -28.74 -13.35 4.10
N SER A 52 -29.60 -14.35 3.84
CA SER A 52 -30.98 -14.37 4.27
C SER A 52 -31.12 -14.33 5.81
N MET A 53 -30.32 -15.10 6.54
CA MET A 53 -30.34 -15.07 8.01
C MET A 53 -29.74 -13.76 8.57
N MET A 54 -28.88 -13.09 7.79
CA MET A 54 -28.35 -11.79 8.19
C MET A 54 -29.40 -10.65 8.01
N GLY A 55 -30.61 -11.00 7.55
CA GLY A 55 -31.72 -10.07 7.35
C GLY A 55 -31.74 -9.35 6.01
N PHE A 56 -31.00 -9.83 5.02
CA PHE A 56 -30.99 -9.20 3.70
C PHE A 56 -31.77 -10.04 2.68
N LYS A 57 -32.36 -9.39 1.67
CA LYS A 57 -33.09 -10.12 0.63
C LYS A 57 -32.51 -9.79 -0.74
N MET A 58 -31.98 -10.81 -1.44
CA MET A 58 -31.39 -10.59 -2.77
C MET A 58 -32.46 -10.50 -3.90
N ASN A 59 -33.70 -10.94 -3.63
CA ASN A 59 -34.86 -10.84 -4.53
C ASN A 59 -34.68 -11.33 -6.00
N TYR A 60 -33.78 -12.32 -6.27
CA TYR A 60 -33.49 -12.84 -7.62
C TYR A 60 -33.09 -11.68 -8.54
N GLN A 61 -32.18 -10.84 -8.06
CA GLN A 61 -31.79 -9.63 -8.80
C GLN A 61 -30.48 -9.82 -9.59
N VAL A 62 -30.57 -9.58 -10.91
CA VAL A 62 -29.41 -9.63 -11.81
C VAL A 62 -28.98 -8.21 -12.10
N ASN A 63 -28.49 -7.48 -11.08
CA ASN A 63 -28.11 -6.09 -11.25
C ASN A 63 -26.74 -5.73 -10.62
N GLY A 64 -25.69 -6.44 -11.03
CA GLY A 64 -24.32 -6.18 -10.61
C GLY A 64 -23.89 -6.52 -9.19
N TYR A 65 -24.82 -6.95 -8.35
CA TYR A 65 -24.49 -7.31 -6.96
C TYR A 65 -24.92 -8.78 -6.72
N PRO A 66 -24.16 -9.75 -7.24
CA PRO A 66 -24.59 -11.15 -7.12
C PRO A 66 -24.45 -11.75 -5.73
N ASN A 67 -23.46 -11.28 -4.99
CA ASN A 67 -23.20 -11.79 -3.65
C ASN A 67 -22.59 -10.68 -2.78
N MET A 68 -22.97 -10.61 -1.48
CA MET A 68 -22.34 -9.65 -0.57
C MET A 68 -20.87 -10.07 -0.31
N PHE A 69 -20.62 -11.39 -0.30
CA PHE A 69 -19.33 -12.01 -0.10
C PHE A 69 -18.59 -12.20 -1.40
N ILE A 70 -17.27 -12.06 -1.35
CA ILE A 70 -16.44 -12.18 -2.56
C ILE A 70 -15.33 -13.20 -2.41
N THR A 71 -14.76 -13.64 -3.54
CA THR A 71 -13.64 -14.59 -3.58
C THR A 71 -12.35 -13.90 -3.08
N ARG A 72 -11.32 -14.69 -2.74
CA ARG A 72 -10.00 -14.24 -2.35
C ARG A 72 -9.38 -13.44 -3.51
N GLU A 73 -9.57 -13.93 -4.75
CA GLU A 73 -9.08 -13.28 -5.97
C GLU A 73 -9.74 -11.89 -6.14
N GLU A 74 -11.08 -11.79 -5.96
CA GLU A 74 -11.74 -10.50 -6.06
C GLU A 74 -11.25 -9.55 -4.95
N ALA A 75 -11.06 -10.05 -3.72
CA ALA A 75 -10.55 -9.24 -2.61
C ALA A 75 -9.15 -8.71 -2.91
N ILE A 76 -8.27 -9.51 -3.50
CA ILE A 76 -6.90 -9.10 -3.84
C ILE A 76 -6.93 -7.93 -4.82
N ARG A 77 -7.75 -8.03 -5.87
CA ARG A 77 -7.88 -6.92 -6.82
C ARG A 77 -8.45 -5.65 -6.18
N HIS A 78 -9.14 -5.77 -5.02
CA HIS A 78 -9.74 -4.63 -4.34
C HIS A 78 -9.11 -4.42 -2.96
N VAL A 79 -7.78 -4.66 -2.85
CA VAL A 79 -7.07 -4.52 -1.58
C VAL A 79 -7.17 -3.10 -1.00
N ARG A 80 -7.23 -2.04 -1.85
CA ARG A 80 -7.38 -0.67 -1.36
C ARG A 80 -8.66 -0.42 -0.60
N ALA A 81 -9.71 -1.26 -0.84
CA ALA A 81 -11.02 -1.16 -0.20
C ALA A 81 -11.10 -1.90 1.16
N TRP A 82 -10.06 -2.68 1.53
CA TRP A 82 -10.07 -3.52 2.74
C TRP A 82 -10.13 -2.75 4.05
N ILE A 83 -11.16 -3.09 4.84
CA ILE A 83 -11.38 -2.51 6.16
C ILE A 83 -11.70 -3.68 7.05
N GLY A 84 -10.79 -4.02 7.94
CA GLY A 84 -11.01 -5.06 8.93
C GLY A 84 -12.15 -4.65 9.83
N PHE A 85 -13.01 -5.61 10.16
CA PHE A 85 -14.18 -5.32 10.95
C PHE A 85 -14.45 -6.42 11.96
N ASP A 86 -14.64 -6.03 13.22
CA ASP A 86 -14.93 -6.98 14.27
C ASP A 86 -16.00 -6.42 15.21
N VAL A 87 -16.87 -7.29 15.74
CA VAL A 87 -17.87 -6.88 16.71
C VAL A 87 -17.74 -7.76 17.96
N GLU A 88 -17.66 -7.12 19.12
CA GLU A 88 -17.54 -7.82 20.38
C GLU A 88 -18.72 -7.49 21.27
N GLY A 89 -19.25 -8.48 21.97
CA GLY A 89 -20.33 -8.27 22.90
C GLY A 89 -19.82 -7.58 24.16
N CYS A 90 -20.32 -6.36 24.44
CA CYS A 90 -19.93 -5.64 25.65
C CYS A 90 -20.57 -6.34 26.84
N HIS A 91 -21.88 -6.64 26.73
CA HIS A 91 -22.57 -7.36 27.79
C HIS A 91 -23.00 -8.78 27.31
N GLY A 98 -26.40 -7.53 21.22
CA GLY A 98 -27.04 -8.82 21.09
C GLY A 98 -28.54 -8.72 21.31
N THR A 99 -29.14 -7.62 20.75
CA THR A 99 -30.56 -7.22 20.82
C THR A 99 -30.89 -6.70 22.23
N ASN A 100 -30.35 -7.37 23.26
CA ASN A 100 -30.53 -6.95 24.65
C ASN A 100 -29.26 -6.31 25.22
N LEU A 101 -28.08 -6.50 24.58
CA LEU A 101 -26.82 -5.99 25.10
C LEU A 101 -25.99 -5.09 24.14
N PRO A 102 -25.14 -4.22 24.71
CA PRO A 102 -24.29 -3.33 23.86
C PRO A 102 -23.24 -4.07 23.03
N LEU A 103 -22.91 -3.51 21.87
CA LEU A 103 -21.94 -4.09 20.98
C LEU A 103 -20.81 -3.11 20.76
N GLN A 104 -19.57 -3.62 20.72
CA GLN A 104 -18.41 -2.80 20.44
C GLN A 104 -18.01 -3.10 19.01
N LEU A 105 -18.09 -2.10 18.13
CA LEU A 105 -17.79 -2.24 16.72
C LEU A 105 -16.38 -1.69 16.54
N GLY A 106 -15.48 -2.50 16.02
CA GLY A 106 -14.10 -2.11 15.84
C GLY A 106 -13.72 -2.20 14.39
N PHE A 107 -12.95 -1.23 13.90
CA PHE A 107 -12.54 -1.14 12.50
C PHE A 107 -11.00 -1.04 12.43
N SER A 108 -10.39 -1.53 11.32
CA SER A 108 -8.93 -1.47 11.19
C SER A 108 -8.38 -0.01 11.09
N THR A 109 -9.26 0.99 11.05
CA THR A 109 -8.87 2.39 11.16
C THR A 109 -8.49 2.75 12.65
N GLY A 110 -8.67 1.80 13.59
CA GLY A 110 -8.41 2.01 15.01
C GLY A 110 -9.61 2.53 15.77
N VAL A 111 -10.76 2.67 15.13
CA VAL A 111 -11.96 3.20 15.74
C VAL A 111 -12.82 2.12 16.43
N ASN A 112 -13.31 2.43 17.67
CA ASN A 112 -14.25 1.56 18.38
C ASN A 112 -15.49 2.37 18.66
N LEU A 113 -16.67 1.91 18.22
CA LEU A 113 -17.95 2.57 18.47
C LEU A 113 -18.83 1.64 19.29
N VAL A 114 -19.51 2.16 20.32
CA VAL A 114 -20.42 1.33 21.09
C VAL A 114 -21.86 1.56 20.65
N ALA A 115 -22.52 0.51 20.14
CA ALA A 115 -23.89 0.60 19.70
C ALA A 115 -24.82 0.00 20.77
N VAL A 116 -25.81 0.77 21.22
CA VAL A 116 -26.79 0.30 22.20
C VAL A 116 -28.16 0.14 21.54
N PRO A 117 -28.88 -0.94 21.87
CA PRO A 117 -30.18 -1.17 21.22
C PRO A 117 -31.38 -0.41 21.82
N THR A 118 -31.11 0.51 22.77
CA THR A 118 -32.14 1.32 23.46
C THR A 118 -33.11 2.05 22.52
N PRO A 147 -7.02 3.17 18.67
CA PRO A 147 -7.53 2.86 20.02
C PRO A 147 -8.54 3.89 20.53
N LEU A 148 -9.31 4.51 19.60
CA LEU A 148 -10.30 5.51 19.97
C LEU A 148 -11.56 4.82 20.50
N MET A 149 -11.97 5.15 21.74
CA MET A 149 -13.11 4.54 22.43
C MET A 149 -14.28 5.51 22.57
N TYR A 150 -15.41 5.24 21.89
CA TYR A 150 -16.58 6.12 21.99
C TYR A 150 -17.66 5.47 22.86
N LYS A 151 -18.31 6.25 23.74
CA LYS A 151 -19.37 5.75 24.64
C LYS A 151 -20.64 5.35 23.90
N GLY A 152 -21.44 4.49 24.54
CA GLY A 152 -22.67 3.92 24.02
C GLY A 152 -23.69 4.86 23.39
N LEU A 153 -24.05 4.58 22.13
CA LEU A 153 -25.00 5.39 21.39
C LEU A 153 -25.93 4.52 20.53
N PRO A 154 -27.18 4.96 20.30
CA PRO A 154 -28.11 4.15 19.50
C PRO A 154 -27.69 3.99 18.04
N TRP A 155 -28.15 2.91 17.40
CA TRP A 155 -27.79 2.60 16.02
C TRP A 155 -28.00 3.72 14.99
N ASN A 156 -29.06 4.53 15.17
CA ASN A 156 -29.36 5.64 14.26
C ASN A 156 -28.26 6.70 14.23
N VAL A 157 -27.47 6.85 15.31
CA VAL A 157 -26.35 7.80 15.27
C VAL A 157 -25.06 7.05 14.92
N VAL A 158 -24.85 5.83 15.45
CA VAL A 158 -23.68 5.00 15.11
C VAL A 158 -23.48 4.86 13.57
N ARG A 159 -24.57 4.58 12.83
CA ARG A 159 -24.53 4.40 11.38
C ARG A 159 -24.08 5.67 10.63
N ILE A 160 -24.40 6.88 11.15
CA ILE A 160 -23.95 8.16 10.56
C ILE A 160 -22.42 8.25 10.68
N LYS A 161 -21.88 7.85 11.86
CA LYS A 161 -20.44 7.85 12.11
C LYS A 161 -19.72 6.82 11.22
N ILE A 162 -20.30 5.61 11.05
CA ILE A 162 -19.73 4.57 10.18
C ILE A 162 -19.58 5.08 8.73
N VAL A 163 -20.64 5.72 8.16
CA VAL A 163 -20.62 6.30 6.80
C VAL A 163 -19.53 7.40 6.69
N GLN A 164 -19.44 8.27 7.70
CA GLN A 164 -18.43 9.33 7.69
C GLN A 164 -17.02 8.74 7.67
N MET A 165 -16.73 7.82 8.60
CA MET A 165 -15.42 7.20 8.76
C MET A 165 -14.98 6.43 7.51
N LEU A 166 -15.86 5.57 6.96
CA LEU A 166 -15.53 4.83 5.75
C LEU A 166 -15.32 5.79 4.56
N SER A 167 -16.18 6.81 4.43
CA SER A 167 -16.05 7.80 3.37
C SER A 167 -14.72 8.57 3.43
N ASP A 168 -14.28 8.97 4.63
CA ASP A 168 -13.02 9.69 4.76
C ASP A 168 -11.81 8.80 4.52
N THR A 169 -11.91 7.53 4.92
CA THR A 169 -10.81 6.60 4.73
C THR A 169 -10.68 6.17 3.28
N LEU A 170 -11.81 5.93 2.61
CA LEU A 170 -11.80 5.32 1.28
C LEU A 170 -11.98 6.20 0.06
N LYS A 171 -12.44 7.45 0.17
CA LYS A 171 -12.71 8.27 -1.02
C LYS A 171 -11.53 8.40 -2.02
N ASN A 172 -10.29 8.43 -1.51
CA ASN A 172 -9.12 8.54 -2.38
C ASN A 172 -8.40 7.18 -2.59
N LEU A 173 -9.03 6.05 -2.21
CA LEU A 173 -8.40 4.75 -2.35
C LEU A 173 -9.17 3.82 -3.27
N SER A 174 -10.50 3.79 -3.12
CA SER A 174 -11.29 2.79 -3.81
C SER A 174 -12.70 3.22 -4.16
N ASP A 175 -13.33 2.49 -5.09
CA ASP A 175 -14.73 2.70 -5.46
C ASP A 175 -15.70 1.89 -4.54
N ARG A 176 -15.17 1.17 -3.53
CA ARG A 176 -15.99 0.31 -2.66
C ARG A 176 -15.35 0.13 -1.27
N VAL A 177 -15.96 -0.71 -0.43
CA VAL A 177 -15.47 -1.16 0.86
C VAL A 177 -15.56 -2.68 0.84
N VAL A 178 -14.53 -3.37 1.37
CA VAL A 178 -14.48 -4.82 1.57
C VAL A 178 -14.25 -5.02 3.06
N PHE A 179 -15.28 -5.43 3.79
CA PHE A 179 -15.15 -5.68 5.21
C PHE A 179 -14.42 -7.02 5.38
N VAL A 180 -13.23 -6.99 5.97
CA VAL A 180 -12.42 -8.18 6.16
C VAL A 180 -12.73 -8.72 7.56
N LEU A 181 -13.26 -9.94 7.61
CA LEU A 181 -13.72 -10.54 8.86
C LEU A 181 -13.00 -11.82 9.30
N TRP A 182 -13.08 -12.11 10.60
CA TRP A 182 -12.71 -13.39 11.22
C TRP A 182 -14.04 -13.66 11.94
N ALA A 183 -15.04 -14.05 11.12
CA ALA A 183 -16.43 -14.16 11.51
C ALA A 183 -16.75 -15.13 12.64
N HIS A 184 -17.30 -14.57 13.73
CA HIS A 184 -17.77 -15.35 14.87
C HIS A 184 -19.27 -15.19 15.14
N GLY A 185 -19.98 -14.35 14.39
CA GLY A 185 -21.43 -14.21 14.56
C GLY A 185 -22.00 -12.80 14.68
N PHE A 186 -21.64 -12.07 15.76
CA PHE A 186 -22.14 -10.71 16.03
C PHE A 186 -21.85 -9.69 14.91
N GLU A 187 -20.70 -9.79 14.22
CA GLU A 187 -20.40 -8.85 13.14
C GLU A 187 -21.38 -9.03 12.00
N LEU A 188 -21.75 -10.27 11.68
CA LEU A 188 -22.67 -10.57 10.60
C LEU A 188 -24.09 -10.12 10.94
N THR A 189 -24.55 -10.39 12.16
CA THR A 189 -25.88 -10.01 12.60
C THR A 189 -26.03 -8.50 12.92
N SER A 190 -24.91 -7.75 12.98
CA SER A 190 -24.99 -6.30 13.20
C SER A 190 -25.06 -5.51 11.89
N MET A 191 -24.79 -6.15 10.75
CA MET A 191 -24.77 -5.49 9.46
C MET A 191 -26.12 -4.91 9.02
N LYS A 192 -27.23 -5.57 9.37
CA LYS A 192 -28.57 -5.07 9.06
C LYS A 192 -28.88 -3.70 9.70
N TYR A 193 -28.09 -3.28 10.70
CA TYR A 193 -28.27 -2.01 11.37
C TYR A 193 -27.56 -0.84 10.71
N PHE A 194 -26.65 -1.09 9.75
CA PHE A 194 -25.95 0.00 9.07
C PHE A 194 -25.78 -0.23 7.56
N VAL A 195 -26.21 -1.37 7.03
CA VAL A 195 -26.06 -1.71 5.63
C VAL A 195 -27.41 -1.87 4.93
N LYS A 196 -27.51 -1.30 3.70
CA LYS A 196 -28.65 -1.48 2.81
C LYS A 196 -28.07 -2.07 1.50
N ILE A 197 -28.78 -3.02 0.90
CA ILE A 197 -28.35 -3.63 -0.36
C ILE A 197 -29.42 -3.43 -1.46
N GLY A 198 -29.02 -3.63 -2.69
CA GLY A 198 -29.93 -3.51 -3.82
C GLY A 198 -29.18 -3.58 -5.13
N PRO A 199 -29.80 -3.09 -6.21
CA PRO A 199 -29.09 -3.07 -7.49
C PRO A 199 -27.90 -2.11 -7.46
N GLU A 200 -26.93 -2.32 -8.36
CA GLU A 200 -25.81 -1.41 -8.49
C GLU A 200 -26.33 -0.05 -8.98
N ARG A 201 -25.94 1.02 -8.29
CA ARG A 201 -26.40 2.37 -8.61
C ARG A 201 -25.23 3.34 -8.80
N THR A 202 -25.51 4.53 -9.33
CA THR A 202 -24.49 5.57 -9.45
C THR A 202 -24.77 6.67 -8.43
N CYS A 203 -23.78 7.50 -8.18
CA CYS A 203 -23.90 8.64 -7.27
C CYS A 203 -24.91 9.68 -7.79
N CYS A 204 -25.55 10.42 -6.88
CA CYS A 204 -26.50 11.47 -7.26
C CYS A 204 -25.77 12.74 -7.75
N LEU A 205 -24.50 12.94 -7.39
CA LEU A 205 -23.72 14.12 -7.76
C LEU A 205 -22.58 13.84 -8.74
N CYS A 206 -22.35 12.58 -9.13
CA CYS A 206 -21.28 12.21 -10.09
C CYS A 206 -21.49 10.82 -10.72
N ASP A 207 -20.58 10.37 -11.60
CA ASP A 207 -20.68 9.10 -12.31
C ASP A 207 -20.14 7.91 -11.51
N ARG A 208 -19.43 8.14 -10.40
CA ARG A 208 -18.90 7.03 -9.60
C ARG A 208 -19.99 6.12 -9.05
N ARG A 209 -19.67 4.84 -8.82
CA ARG A 209 -20.65 3.92 -8.28
C ARG A 209 -21.05 4.34 -6.86
N ALA A 210 -22.30 4.07 -6.49
CA ALA A 210 -22.84 4.46 -5.20
C ALA A 210 -22.36 3.50 -4.12
N THR A 211 -21.88 4.07 -3.01
CA THR A 211 -21.40 3.32 -1.85
C THR A 211 -22.21 3.62 -0.57
N CYS A 212 -23.04 4.67 -0.59
CA CYS A 212 -23.85 5.13 0.55
C CYS A 212 -25.30 5.43 0.14
N PHE A 213 -26.20 5.41 1.11
CA PHE A 213 -27.60 5.70 0.92
C PHE A 213 -28.06 6.59 2.04
N SER A 214 -28.94 7.56 1.73
CA SER A 214 -29.50 8.41 2.74
C SER A 214 -31.01 8.16 2.85
N THR A 215 -31.52 7.80 4.05
CA THR A 215 -32.96 7.64 4.26
C THR A 215 -33.67 9.01 4.36
N ALA A 216 -32.94 10.09 4.70
CA ALA A 216 -33.52 11.41 4.81
C ALA A 216 -33.91 11.93 3.41
N SER A 217 -33.03 11.78 2.42
CA SER A 217 -33.30 12.27 1.09
C SER A 217 -33.70 11.19 0.08
N ASP A 218 -33.64 9.90 0.44
CA ASP A 218 -33.96 8.79 -0.48
C ASP A 218 -33.01 8.79 -1.72
N THR A 219 -31.74 9.18 -1.52
CA THR A 219 -30.73 9.28 -2.58
C THR A 219 -29.47 8.42 -2.31
N TYR A 220 -28.61 8.27 -3.32
CA TYR A 220 -27.40 7.47 -3.25
C TYR A 220 -26.17 8.31 -3.55
N ALA A 221 -25.04 7.99 -2.89
CA ALA A 221 -23.82 8.74 -3.09
C ALA A 221 -22.57 7.87 -3.07
N CYS A 222 -21.49 8.36 -3.69
CA CYS A 222 -20.21 7.68 -3.63
C CYS A 222 -19.49 8.16 -2.31
N TRP A 223 -18.23 7.72 -2.05
CA TRP A 223 -17.52 8.14 -0.84
C TRP A 223 -17.22 9.65 -0.82
N HIS A 224 -17.17 10.30 -2.01
CA HIS A 224 -16.85 11.72 -2.14
C HIS A 224 -18.03 12.66 -1.83
N HIS A 225 -19.28 12.20 -2.00
CA HIS A 225 -20.46 13.05 -1.88
C HIS A 225 -21.48 12.53 -0.85
N SER A 226 -21.02 11.87 0.19
CA SER A 226 -21.91 11.24 1.16
C SER A 226 -22.11 11.93 2.49
N ILE A 227 -21.76 13.23 2.61
CA ILE A 227 -21.91 13.94 3.89
C ILE A 227 -23.37 13.98 4.30
N GLY A 228 -23.64 13.52 5.52
CA GLY A 228 -25.02 13.42 6.01
C GLY A 228 -25.71 12.12 5.66
N PHE A 229 -25.02 11.18 4.96
CA PHE A 229 -25.64 9.90 4.60
C PHE A 229 -25.60 8.92 5.80
N ASP A 230 -26.60 8.04 5.91
CA ASP A 230 -26.70 7.17 7.09
C ASP A 230 -26.53 5.66 6.83
N TYR A 231 -26.59 5.17 5.57
CA TYR A 231 -26.41 3.74 5.33
C TYR A 231 -25.28 3.39 4.38
N VAL A 232 -24.52 2.35 4.69
CA VAL A 232 -23.50 1.84 3.78
C VAL A 232 -24.31 1.04 2.73
N TYR A 233 -24.11 1.35 1.47
CA TYR A 233 -24.84 0.70 0.39
C TYR A 233 -23.97 -0.27 -0.42
N ASN A 234 -24.46 -1.51 -0.64
CA ASN A 234 -23.76 -2.56 -1.40
C ASN A 234 -22.29 -2.74 -1.02
N PRO A 235 -22.00 -2.97 0.29
CA PRO A 235 -20.62 -3.24 0.68
C PRO A 235 -20.27 -4.67 0.27
N PHE A 236 -18.99 -5.01 0.37
CA PHE A 236 -18.49 -6.36 0.09
C PHE A 236 -17.82 -6.85 1.36
N MET A 237 -17.62 -8.14 1.46
CA MET A 237 -17.03 -8.74 2.64
C MET A 237 -16.44 -10.08 2.34
N ILE A 238 -15.46 -10.46 3.15
CA ILE A 238 -14.79 -11.73 3.04
C ILE A 238 -14.49 -12.26 4.43
N ASP A 239 -14.74 -13.56 4.65
CA ASP A 239 -14.48 -14.18 5.93
C ASP A 239 -13.20 -14.98 5.83
N VAL A 240 -12.10 -14.45 6.41
CA VAL A 240 -10.77 -15.06 6.47
C VAL A 240 -10.84 -16.48 7.04
N GLN A 241 -11.75 -16.72 7.99
CA GLN A 241 -11.92 -18.08 8.53
C GLN A 241 -12.34 -19.13 7.49
N GLN A 242 -12.80 -18.70 6.32
CA GLN A 242 -13.18 -19.66 5.27
C GLN A 242 -11.97 -20.23 4.54
N TRP A 243 -10.78 -19.68 4.74
CA TRP A 243 -9.58 -20.08 4.04
C TRP A 243 -8.92 -21.35 4.58
N GLY A 244 -9.33 -21.81 5.76
CA GLY A 244 -8.80 -23.03 6.34
C GLY A 244 -7.66 -22.77 7.30
N PHE A 245 -7.99 -22.45 8.54
CA PHE A 245 -6.98 -22.16 9.56
C PHE A 245 -7.22 -23.03 10.78
N THR A 246 -6.16 -23.34 11.53
CA THR A 246 -6.29 -24.09 12.77
C THR A 246 -6.05 -23.09 13.89
N GLY A 247 -6.94 -23.04 14.86
CA GLY A 247 -6.80 -22.11 15.97
C GLY A 247 -7.41 -20.75 15.72
N ASN A 248 -7.41 -19.92 16.76
CA ASN A 248 -8.03 -18.61 16.77
C ASN A 248 -7.25 -17.54 15.96
N LEU A 249 -7.82 -16.33 15.88
CA LEU A 249 -7.21 -15.22 15.15
C LEU A 249 -5.82 -14.83 15.69
N GLN A 250 -5.71 -14.65 17.02
CA GLN A 250 -4.44 -14.22 17.59
C GLN A 250 -3.30 -15.19 17.35
N SER A 251 -3.55 -16.51 17.46
CA SER A 251 -2.50 -17.50 17.22
C SER A 251 -2.01 -17.51 15.78
N ASN A 252 -2.91 -17.27 14.81
CA ASN A 252 -2.50 -17.24 13.40
C ASN A 252 -1.83 -15.92 13.02
N HIS A 253 -2.31 -14.81 13.58
CA HIS A 253 -1.75 -13.49 13.31
C HIS A 253 -0.32 -13.39 13.91
N ASP A 254 -0.16 -13.79 15.21
CA ASP A 254 1.09 -13.71 15.95
C ASP A 254 2.22 -14.58 15.39
N LEU A 255 1.90 -15.52 14.49
CA LEU A 255 2.91 -16.36 13.82
C LEU A 255 3.76 -15.53 12.87
N TYR A 256 3.18 -14.46 12.28
CA TYR A 256 3.83 -13.62 11.28
C TYR A 256 4.00 -12.18 11.68
N CYS A 257 3.40 -11.72 12.78
CA CYS A 257 3.48 -10.31 13.14
C CYS A 257 3.57 -10.04 14.64
N GLN A 258 4.50 -9.17 15.01
CA GLN A 258 4.74 -8.74 16.39
C GLN A 258 4.40 -7.26 16.63
N VAL A 259 4.01 -6.53 15.59
CA VAL A 259 3.68 -5.11 15.65
C VAL A 259 2.25 -4.84 16.16
N HIS A 260 1.33 -5.76 15.89
CA HIS A 260 -0.05 -5.60 16.35
C HIS A 260 -0.25 -6.47 17.57
N GLY A 261 -0.61 -5.82 18.67
CA GLY A 261 -0.84 -6.52 19.92
C GLY A 261 -2.32 -6.74 20.18
N ASN A 262 -2.63 -7.50 21.21
CA ASN A 262 -4.02 -7.75 21.57
C ASN A 262 -4.39 -6.96 22.80
N ALA A 263 -4.88 -5.74 22.62
CA ALA A 263 -5.33 -4.93 23.76
C ALA A 263 -6.76 -5.30 24.21
N HIS A 264 -7.36 -6.37 23.62
CA HIS A 264 -8.68 -6.94 23.92
C HIS A 264 -9.87 -6.05 23.52
N VAL A 265 -9.67 -5.15 22.56
CA VAL A 265 -10.78 -4.35 22.01
C VAL A 265 -11.03 -4.78 20.56
N ALA A 266 -12.26 -4.59 20.09
CA ALA A 266 -12.67 -4.98 18.75
C ALA A 266 -11.79 -4.42 17.63
N SER A 267 -11.25 -3.22 17.77
CA SER A 267 -10.37 -2.64 16.74
C SER A 267 -9.03 -3.39 16.63
N CYS A 268 -8.52 -3.96 17.74
CA CYS A 268 -7.29 -4.78 17.70
C CYS A 268 -7.53 -6.04 16.84
N ASP A 269 -8.69 -6.67 17.01
CA ASP A 269 -9.04 -7.86 16.23
C ASP A 269 -9.22 -7.49 14.75
N ALA A 270 -9.84 -6.32 14.47
CA ALA A 270 -10.09 -5.85 13.11
C ALA A 270 -8.75 -5.61 12.38
N ILE A 271 -7.81 -4.98 13.09
CA ILE A 271 -6.44 -4.76 12.61
C ILE A 271 -5.71 -6.11 12.38
N MET A 272 -5.71 -7.03 13.37
CA MET A 272 -5.10 -8.37 13.25
C MET A 272 -5.66 -9.17 12.06
N THR A 273 -6.99 -9.11 11.87
CA THR A 273 -7.71 -9.81 10.78
C THR A 273 -7.22 -9.30 9.40
N ARG A 274 -7.21 -7.95 9.21
CA ARG A 274 -6.76 -7.38 7.96
C ARG A 274 -5.27 -7.69 7.74
N CYS A 275 -4.42 -7.58 8.80
CA CYS A 275 -2.99 -7.89 8.72
C CYS A 275 -2.79 -9.36 8.30
N LEU A 276 -3.56 -10.30 8.87
CA LEU A 276 -3.44 -11.70 8.52
C LEU A 276 -3.78 -11.94 7.05
N ALA A 277 -4.85 -11.29 6.57
CA ALA A 277 -5.29 -11.36 5.18
C ALA A 277 -4.22 -10.76 4.23
N VAL A 278 -3.57 -9.66 4.63
CA VAL A 278 -2.49 -9.04 3.82
C VAL A 278 -1.30 -10.01 3.72
N HIS A 279 -0.94 -10.66 4.84
CA HIS A 279 0.11 -11.67 4.86
C HIS A 279 -0.14 -12.81 3.89
N GLU A 280 -1.36 -13.38 3.90
CA GLU A 280 -1.74 -14.50 3.07
C GLU A 280 -1.78 -14.19 1.59
N CYS A 281 -2.23 -12.99 1.24
CA CYS A 281 -2.44 -12.63 -0.14
C CYS A 281 -1.29 -11.88 -0.78
N PHE A 282 -0.35 -11.32 0.03
CA PHE A 282 0.71 -10.47 -0.52
C PHE A 282 2.12 -10.77 -0.03
N VAL A 283 2.24 -11.39 1.15
CA VAL A 283 3.54 -11.69 1.71
C VAL A 283 3.97 -13.11 1.29
N LYS A 284 3.21 -14.16 1.66
CA LYS A 284 3.53 -15.55 1.32
C LYS A 284 3.05 -15.97 -0.08
N ARG A 285 2.16 -15.18 -0.70
CA ARG A 285 1.67 -15.45 -2.03
C ARG A 285 1.86 -14.15 -2.78
N VAL A 286 2.74 -14.13 -3.80
CA VAL A 286 3.01 -12.90 -4.53
C VAL A 286 2.55 -13.00 -5.98
N ASP A 287 1.66 -12.08 -6.40
CA ASP A 287 1.16 -12.05 -7.75
C ASP A 287 1.47 -10.71 -8.42
N TRP A 288 2.47 -10.68 -9.31
CA TRP A 288 2.82 -9.46 -10.03
C TRP A 288 2.09 -9.33 -11.42
N THR A 289 1.07 -10.15 -11.66
CA THR A 289 0.26 -10.06 -12.88
C THR A 289 -1.07 -9.30 -12.66
N ILE A 290 -1.35 -8.88 -11.41
CA ILE A 290 -2.54 -8.13 -11.10
C ILE A 290 -2.19 -6.66 -11.18
N GLU A 291 -2.92 -5.95 -12.03
CA GLU A 291 -2.78 -4.52 -12.25
C GLU A 291 -3.80 -3.79 -11.36
N TYR A 292 -3.46 -2.58 -10.93
CA TYR A 292 -4.34 -1.78 -10.09
C TYR A 292 -4.57 -0.40 -10.73
N PRO A 293 -5.79 0.16 -10.60
CA PRO A 293 -6.06 1.49 -11.19
C PRO A 293 -5.19 2.66 -10.69
N ILE A 294 -5.12 3.73 -11.49
CA ILE A 294 -4.38 4.93 -11.14
C ILE A 294 -5.25 5.79 -10.24
N ILE A 295 -4.80 6.06 -9.04
CA ILE A 295 -5.56 6.88 -8.09
C ILE A 295 -4.82 8.15 -7.63
N GLY A 296 -3.61 8.38 -8.12
CA GLY A 296 -2.83 9.54 -7.74
C GLY A 296 -1.71 9.85 -8.73
N ASP A 297 -0.51 10.08 -8.20
CA ASP A 297 0.68 10.44 -8.96
C ASP A 297 1.55 9.26 -9.41
N GLU A 298 0.97 8.09 -9.59
CA GLU A 298 1.69 6.89 -10.05
C GLU A 298 2.68 7.14 -11.19
N LEU A 299 2.22 7.66 -12.32
CA LEU A 299 3.06 7.86 -13.49
C LEU A 299 4.22 8.83 -13.26
N LYS A 300 3.95 9.93 -12.55
CA LYS A 300 4.98 10.94 -12.26
C LYS A 300 6.03 10.35 -11.34
N ILE A 301 5.61 9.55 -10.34
CA ILE A 301 6.50 8.90 -9.38
C ILE A 301 7.42 7.90 -10.10
N ASN A 302 6.86 7.11 -11.01
CA ASN A 302 7.64 6.11 -11.74
C ASN A 302 8.62 6.76 -12.70
N ALA A 303 8.21 7.86 -13.36
CA ALA A 303 9.06 8.59 -14.29
C ALA A 303 10.19 9.27 -13.52
N ALA A 304 9.87 9.84 -12.35
CA ALA A 304 10.83 10.46 -11.46
C ALA A 304 11.85 9.42 -11.00
N CYS A 305 11.41 8.22 -10.58
CA CYS A 305 12.29 7.17 -10.13
C CYS A 305 13.31 6.78 -11.18
N ARG A 306 12.89 6.76 -12.45
CA ARG A 306 13.80 6.43 -13.55
C ARG A 306 14.79 7.60 -13.78
N LYS A 307 14.33 8.84 -13.63
CA LYS A 307 15.18 10.02 -13.85
C LYS A 307 16.25 10.10 -12.77
N VAL A 308 15.86 9.92 -11.50
CA VAL A 308 16.75 9.94 -10.36
C VAL A 308 17.79 8.82 -10.43
N GLN A 309 17.37 7.61 -10.78
CA GLN A 309 18.31 6.49 -10.91
C GLN A 309 19.37 6.78 -11.95
N HIS A 310 18.97 7.23 -13.16
CA HIS A 310 19.95 7.57 -14.19
C HIS A 310 20.92 8.67 -13.70
N MET A 311 20.41 9.71 -13.06
CA MET A 311 21.20 10.83 -12.57
C MET A 311 22.22 10.42 -11.51
N VAL A 312 21.78 9.70 -10.49
CA VAL A 312 22.64 9.30 -9.40
C VAL A 312 23.72 8.30 -9.81
N VAL A 313 23.36 7.28 -10.58
CA VAL A 313 24.33 6.28 -11.01
C VAL A 313 25.33 6.90 -11.97
N LYS A 314 24.86 7.74 -12.90
CA LYS A 314 25.71 8.39 -13.88
C LYS A 314 26.76 9.28 -13.21
N ALA A 315 26.36 10.04 -12.17
CA ALA A 315 27.30 10.90 -11.45
C ALA A 315 28.22 10.11 -10.54
N ALA A 316 27.78 8.96 -10.00
CA ALA A 316 28.66 8.13 -9.17
C ALA A 316 29.78 7.54 -10.04
N LEU A 317 29.42 7.08 -11.25
CA LEU A 317 30.42 6.55 -12.17
C LEU A 317 31.41 7.66 -12.59
N LEU A 318 30.93 8.88 -12.87
CA LEU A 318 31.82 9.99 -13.26
C LEU A 318 32.73 10.46 -12.13
N ALA A 319 32.19 10.50 -10.90
CA ALA A 319 32.94 11.02 -9.75
C ALA A 319 33.99 10.06 -9.26
N ASP A 320 33.69 8.74 -9.23
CA ASP A 320 34.63 7.78 -8.66
C ASP A 320 35.21 6.78 -9.64
N LYS A 321 34.74 6.79 -10.88
CA LYS A 321 35.27 5.97 -11.97
C LYS A 321 35.40 4.49 -11.66
N PHE A 322 34.37 3.89 -11.02
CA PHE A 322 34.39 2.46 -10.70
C PHE A 322 34.57 1.63 -11.97
N PRO A 323 35.43 0.59 -11.95
CA PRO A 323 35.60 -0.23 -13.17
C PRO A 323 34.46 -1.23 -13.40
N VAL A 324 33.71 -1.55 -12.33
CA VAL A 324 32.62 -2.51 -12.43
C VAL A 324 31.45 -2.06 -11.53
N LEU A 325 30.22 -2.29 -12.01
CA LEU A 325 29.00 -2.03 -11.28
C LEU A 325 28.25 -3.37 -11.14
N HIS A 326 27.83 -3.71 -9.91
CA HIS A 326 27.06 -4.91 -9.61
C HIS A 326 25.62 -4.48 -9.37
N ASP A 327 24.73 -4.80 -10.31
CA ASP A 327 23.34 -4.39 -10.29
C ASP A 327 22.50 -5.51 -9.68
N ILE A 328 22.12 -5.36 -8.41
CA ILE A 328 21.38 -6.41 -7.70
C ILE A 328 19.89 -6.11 -7.58
N GLY A 329 19.07 -7.02 -8.08
CA GLY A 329 17.64 -6.84 -8.02
C GLY A 329 16.93 -7.26 -9.28
N ASN A 330 15.81 -6.60 -9.59
CA ASN A 330 14.92 -6.80 -10.75
C ASN A 330 15.50 -7.66 -11.89
N PRO A 331 15.02 -8.92 -12.03
CA PRO A 331 15.54 -9.78 -13.11
C PRO A 331 15.31 -9.23 -14.53
N LYS A 332 14.45 -8.21 -14.67
CA LYS A 332 14.21 -7.59 -15.96
C LYS A 332 14.84 -6.22 -16.11
N ALA A 333 15.85 -5.90 -15.26
CA ALA A 333 16.52 -4.61 -15.33
C ALA A 333 17.36 -4.43 -16.58
N ILE A 334 17.40 -3.18 -17.02
CA ILE A 334 18.19 -2.70 -18.14
C ILE A 334 19.23 -1.76 -17.50
N LYS A 335 20.38 -1.54 -18.14
CA LYS A 335 21.38 -0.59 -17.64
C LYS A 335 20.75 0.82 -17.57
N CYS A 336 20.74 1.46 -16.40
CA CYS A 336 20.16 2.81 -16.25
C CYS A 336 21.05 3.90 -16.86
N VAL A 337 22.35 3.63 -17.03
CA VAL A 337 23.30 4.53 -17.68
C VAL A 337 23.91 3.72 -18.84
N PRO A 338 23.18 3.59 -19.97
CA PRO A 338 23.68 2.76 -21.08
C PRO A 338 24.94 3.23 -21.79
N GLN A 339 25.33 4.50 -21.64
CA GLN A 339 26.54 4.99 -22.30
C GLN A 339 27.79 4.93 -21.41
N ALA A 340 27.63 4.61 -20.10
CA ALA A 340 28.75 4.51 -19.16
C ALA A 340 29.83 3.51 -19.62
N ASP A 341 31.09 3.82 -19.34
CA ASP A 341 32.19 2.95 -19.74
C ASP A 341 32.14 1.61 -18.99
N VAL A 342 31.96 1.66 -17.67
CA VAL A 342 31.87 0.59 -16.67
C VAL A 342 31.41 -0.84 -17.14
N GLU A 343 31.97 -1.86 -16.51
CA GLU A 343 31.57 -3.24 -16.76
C GLU A 343 30.29 -3.50 -15.93
N TRP A 344 29.15 -3.67 -16.60
CA TRP A 344 27.87 -3.86 -15.93
C TRP A 344 27.53 -5.33 -15.72
N LYS A 345 27.41 -5.76 -14.46
CA LYS A 345 27.07 -7.13 -14.15
C LYS A 345 25.76 -7.15 -13.36
N PHE A 346 24.82 -8.01 -13.77
CA PHE A 346 23.49 -8.15 -13.18
C PHE A 346 23.33 -9.42 -12.33
N TYR A 347 22.58 -9.32 -11.25
CA TYR A 347 22.32 -10.40 -10.32
C TYR A 347 20.82 -10.33 -10.05
N ASP A 348 20.09 -11.42 -10.31
CA ASP A 348 18.64 -11.41 -10.19
C ASP A 348 18.12 -11.65 -8.80
N ALA A 349 17.24 -10.78 -8.38
CA ALA A 349 16.55 -10.91 -7.11
C ALA A 349 15.20 -10.22 -7.25
N GLN A 350 14.13 -10.98 -7.08
CA GLN A 350 12.79 -10.42 -7.09
C GLN A 350 12.61 -9.52 -5.84
N PRO A 351 11.65 -8.55 -5.85
CA PRO A 351 11.46 -7.74 -4.63
C PRO A 351 11.07 -8.63 -3.46
N CYS A 352 11.78 -8.52 -2.33
CA CYS A 352 11.46 -9.34 -1.16
C CYS A 352 10.22 -8.75 -0.52
N SER A 353 9.22 -9.59 -0.27
CA SER A 353 7.97 -9.13 0.31
C SER A 353 7.78 -9.53 1.78
N ASP A 354 8.64 -10.41 2.32
CA ASP A 354 8.49 -10.87 3.69
C ASP A 354 9.56 -10.19 4.58
N LYS A 355 10.76 -10.76 4.69
CA LYS A 355 11.87 -10.18 5.42
C LYS A 355 12.90 -9.69 4.39
N ALA A 356 13.72 -8.68 4.76
CA ALA A 356 14.78 -8.16 3.91
C ALA A 356 15.78 -9.28 3.58
N TYR A 357 16.35 -9.27 2.38
CA TYR A 357 17.38 -10.25 2.01
C TYR A 357 18.59 -10.13 2.92
N LYS A 358 19.26 -11.25 3.20
CA LYS A 358 20.48 -11.21 3.98
C LYS A 358 21.62 -11.06 2.97
N ILE A 359 22.44 -10.00 3.12
CA ILE A 359 23.58 -9.76 2.23
C ILE A 359 24.52 -11.00 2.14
N GLU A 360 24.60 -11.80 3.21
CA GLU A 360 25.46 -12.98 3.23
C GLU A 360 24.94 -14.06 2.28
N GLU A 361 23.61 -14.14 2.06
CA GLU A 361 23.07 -15.13 1.12
C GLU A 361 23.08 -14.58 -0.31
N LEU A 362 22.86 -13.27 -0.50
CA LEU A 362 22.90 -12.69 -1.84
C LEU A 362 24.32 -12.76 -2.41
N PHE A 363 25.32 -12.48 -1.55
CA PHE A 363 26.70 -12.37 -2.00
C PHE A 363 27.61 -13.53 -1.76
N TYR A 364 27.41 -14.32 -0.68
CA TYR A 364 28.40 -15.35 -0.38
C TYR A 364 27.92 -16.79 -0.56
N SER A 365 28.52 -17.44 -1.59
CA SER A 365 28.36 -18.82 -2.04
C SER A 365 29.15 -19.05 -3.34
N TYR A 366 30.37 -18.49 -3.42
CA TYR A 366 31.30 -18.60 -4.56
C TYR A 366 30.79 -17.98 -5.86
N HIS A 369 29.14 -13.94 -11.25
CA HIS A 369 29.58 -12.90 -10.36
C HIS A 369 31.01 -12.55 -10.64
N SER A 370 31.35 -11.26 -10.52
CA SER A 370 32.77 -10.85 -10.60
C SER A 370 33.57 -11.55 -9.45
N ASP A 371 32.82 -12.11 -8.44
CA ASP A 371 33.16 -12.72 -7.17
C ASP A 371 33.42 -11.57 -6.21
N LYS A 372 34.29 -10.63 -6.62
CA LYS A 372 34.59 -9.47 -5.82
C LYS A 372 33.48 -8.39 -5.92
N PHE A 373 32.44 -8.50 -5.06
CA PHE A 373 31.42 -7.46 -4.92
C PHE A 373 32.06 -6.19 -4.29
N THR A 374 33.17 -6.36 -3.54
CA THR A 374 34.03 -5.33 -2.94
C THR A 374 34.70 -4.46 -4.01
N ASP A 375 34.84 -4.96 -5.25
CA ASP A 375 35.42 -4.21 -6.36
C ASP A 375 34.31 -3.35 -6.96
N GLY A 376 34.64 -2.12 -7.29
CA GLY A 376 33.68 -1.19 -7.88
C GLY A 376 32.55 -0.81 -6.97
N VAL A 377 31.32 -0.75 -7.53
CA VAL A 377 30.16 -0.31 -6.77
C VAL A 377 28.97 -1.28 -6.93
N CYS A 378 28.13 -1.32 -5.91
CA CYS A 378 26.95 -2.16 -5.85
C CYS A 378 25.74 -1.25 -5.91
N LEU A 379 24.80 -1.57 -6.80
CA LEU A 379 23.58 -0.78 -6.99
C LEU A 379 22.41 -1.60 -6.49
N PHE A 380 21.72 -1.12 -5.46
CA PHE A 380 20.54 -1.77 -4.88
C PHE A 380 19.33 -0.87 -5.08
N TRP A 381 18.70 -0.94 -6.26
CA TRP A 381 17.54 -0.09 -6.55
C TRP A 381 16.27 -0.83 -6.21
N ASN A 382 15.76 -0.54 -5.01
CA ASN A 382 14.62 -1.21 -4.39
C ASN A 382 14.87 -2.68 -4.13
N CYS A 383 16.15 -3.06 -3.84
CA CYS A 383 16.47 -4.44 -3.50
C CYS A 383 16.76 -4.40 -1.99
N ASN A 384 15.75 -4.67 -1.15
CA ASN A 384 15.85 -4.50 0.30
C ASN A 384 16.71 -5.54 0.99
N VAL A 385 17.87 -5.11 1.51
CA VAL A 385 18.74 -6.03 2.21
C VAL A 385 18.87 -5.62 3.71
N ASP A 386 19.31 -6.55 4.54
CA ASP A 386 19.48 -6.31 5.97
C ASP A 386 20.61 -5.26 6.29
N ARG A 387 21.72 -5.31 5.53
CA ARG A 387 22.81 -4.39 5.75
C ARG A 387 23.53 -4.20 4.43
N TYR A 388 23.50 -2.97 3.93
CA TYR A 388 24.17 -2.67 2.67
C TYR A 388 25.69 -2.60 2.81
N PRO A 389 26.42 -3.15 1.83
CA PRO A 389 27.87 -3.02 1.84
C PRO A 389 28.26 -1.53 1.72
N ALA A 390 29.45 -1.15 2.16
CA ALA A 390 29.89 0.26 2.12
C ALA A 390 30.01 0.84 0.71
N ASN A 391 30.27 0.02 -0.33
CA ASN A 391 30.40 0.53 -1.71
C ASN A 391 29.06 0.46 -2.48
N SER A 392 28.01 1.04 -1.91
CA SER A 392 26.68 0.95 -2.49
C SER A 392 26.01 2.28 -2.86
N ILE A 393 25.09 2.21 -3.85
CA ILE A 393 24.15 3.24 -4.31
C ILE A 393 22.79 2.57 -4.02
N VAL A 394 21.96 3.19 -3.15
CA VAL A 394 20.73 2.54 -2.70
C VAL A 394 19.47 3.37 -2.79
N CYS A 395 18.39 2.75 -3.28
CA CYS A 395 17.07 3.33 -3.21
C CYS A 395 16.27 2.37 -2.35
N ARG A 396 15.76 2.85 -1.21
CA ARG A 396 15.01 2.02 -0.29
C ARG A 396 13.67 2.71 0.05
N PHE A 397 12.54 2.03 -0.19
CA PHE A 397 11.21 2.55 0.12
C PHE A 397 11.00 2.58 1.65
N ASP A 398 10.64 3.74 2.18
CA ASP A 398 10.37 3.94 3.60
C ASP A 398 8.90 3.64 3.84
N THR A 399 8.65 2.47 4.43
CA THR A 399 7.33 1.94 4.71
C THR A 399 6.48 2.81 5.64
N ARG A 400 7.12 3.66 6.45
CA ARG A 400 6.37 4.53 7.37
C ARG A 400 5.64 5.67 6.66
N VAL A 401 5.98 5.98 5.38
CA VAL A 401 5.36 7.10 4.67
C VAL A 401 3.84 7.03 4.61
N LEU A 402 3.17 8.20 4.77
CA LEU A 402 1.72 8.28 4.67
C LEU A 402 1.33 8.75 3.28
N SER A 403 0.62 7.91 2.51
CA SER A 403 0.16 8.26 1.18
C SER A 403 -1.03 7.39 0.73
N ASN A 404 -1.73 7.80 -0.34
CA ASN A 404 -2.81 6.99 -0.89
C ASN A 404 -2.28 5.70 -1.56
N LEU A 405 -0.98 5.65 -1.91
CA LEU A 405 -0.37 4.47 -2.51
C LEU A 405 0.07 3.45 -1.48
N ASN A 406 0.46 3.93 -0.29
CA ASN A 406 0.97 3.10 0.77
C ASN A 406 -0.08 2.67 1.82
N LEU A 407 -0.45 1.39 1.81
CA LEU A 407 -1.42 0.85 2.76
C LEU A 407 -0.69 0.14 3.92
N PRO A 408 -1.27 0.08 5.13
CA PRO A 408 -0.62 -0.66 6.22
C PRO A 408 -0.39 -2.13 5.88
N GLY A 409 0.78 -2.65 6.26
CA GLY A 409 1.13 -4.02 5.97
C GLY A 409 1.30 -4.88 7.20
N CYS A 410 2.03 -6.00 7.03
N CYS A 410 2.06 -5.98 7.04
CA CYS A 410 2.27 -7.01 8.05
CA CYS A 410 2.31 -6.94 8.12
C CYS A 410 3.66 -6.89 8.71
C CYS A 410 3.66 -6.75 8.75
N ASP A 411 3.70 -7.01 10.06
CA ASP A 411 4.93 -6.96 10.84
C ASP A 411 5.83 -5.73 10.59
N GLY A 412 5.23 -4.55 10.54
CA GLY A 412 5.97 -3.31 10.30
C GLY A 412 6.04 -2.90 8.84
N GLY A 413 5.93 -3.86 7.94
CA GLY A 413 5.96 -3.63 6.51
C GLY A 413 4.75 -2.86 6.00
N SER A 414 4.77 -2.52 4.73
CA SER A 414 3.68 -1.78 4.14
C SER A 414 3.34 -2.37 2.78
N LEU A 415 2.12 -2.13 2.30
CA LEU A 415 1.70 -2.62 1.00
C LEU A 415 1.68 -1.43 0.06
N TYR A 416 2.72 -1.31 -0.78
CA TYR A 416 2.83 -0.18 -1.69
C TYR A 416 2.18 -0.53 -3.00
N VAL A 417 1.08 0.13 -3.33
CA VAL A 417 0.32 -0.20 -4.53
C VAL A 417 0.44 0.89 -5.60
N ASN A 418 1.29 0.64 -6.60
CA ASN A 418 1.55 1.55 -7.71
C ASN A 418 1.70 0.63 -8.91
N LYS A 419 0.60 0.49 -9.70
CA LYS A 419 0.45 -0.43 -10.83
C LYS A 419 0.35 -1.85 -10.30
N HIS A 420 1.30 -2.28 -9.47
CA HIS A 420 1.28 -3.59 -8.85
C HIS A 420 1.32 -3.44 -7.32
N ALA A 421 1.01 -4.51 -6.58
CA ALA A 421 1.04 -4.47 -5.13
C ALA A 421 2.36 -5.04 -4.63
N PHE A 422 3.13 -4.25 -3.88
CA PHE A 422 4.42 -4.67 -3.37
C PHE A 422 4.44 -4.61 -1.87
N HIS A 423 4.36 -5.76 -1.18
CA HIS A 423 4.50 -5.75 0.27
C HIS A 423 6.00 -5.57 0.53
N THR A 424 6.38 -4.54 1.31
CA THR A 424 7.77 -4.20 1.54
C THR A 424 8.08 -4.40 3.00
N PRO A 425 9.22 -5.05 3.32
CA PRO A 425 9.58 -5.23 4.74
C PRO A 425 9.85 -3.91 5.45
N ALA A 426 9.57 -3.85 6.76
CA ALA A 426 9.74 -2.65 7.55
C ALA A 426 11.05 -1.91 7.34
N PHE A 427 10.94 -0.58 7.15
CA PHE A 427 12.07 0.31 7.01
C PHE A 427 12.94 0.21 8.29
N ASP A 428 14.23 0.02 8.13
CA ASP A 428 15.13 -0.18 9.26
C ASP A 428 16.39 0.66 9.04
N LYS A 429 16.56 1.70 9.87
CA LYS A 429 17.68 2.63 9.78
C LYS A 429 19.05 1.98 9.91
N SER A 430 19.16 0.88 10.65
CA SER A 430 20.43 0.19 10.81
C SER A 430 20.95 -0.47 9.51
N ALA A 431 20.10 -0.65 8.49
CA ALA A 431 20.54 -1.22 7.21
C ALA A 431 21.57 -0.33 6.50
N PHE A 432 21.53 0.97 6.78
CA PHE A 432 22.32 1.99 6.13
C PHE A 432 23.50 2.46 6.96
N VAL A 433 23.96 1.71 7.96
CA VAL A 433 25.09 2.13 8.82
C VAL A 433 26.40 2.35 8.06
N ASN A 434 26.66 1.62 6.96
CA ASN A 434 27.90 1.84 6.19
C ASN A 434 27.80 2.96 5.16
N LEU A 435 26.63 3.58 5.02
CA LEU A 435 26.42 4.61 4.01
C LEU A 435 25.97 5.94 4.67
N LYS A 436 25.73 6.95 3.85
CA LYS A 436 25.17 8.23 4.28
C LYS A 436 23.96 8.55 3.36
N GLN A 437 23.14 9.51 3.77
CA GLN A 437 22.02 9.97 2.96
C GLN A 437 22.58 10.65 1.71
N LEU A 438 21.97 10.39 0.55
CA LEU A 438 22.42 11.01 -0.69
C LEU A 438 21.81 12.41 -0.75
N PRO A 439 22.64 13.46 -0.81
CA PRO A 439 22.09 14.83 -0.90
C PRO A 439 21.57 15.15 -2.30
N PHE A 440 20.68 16.15 -2.39
CA PHE A 440 20.18 16.58 -3.69
C PHE A 440 21.30 17.21 -4.52
N PHE A 441 21.27 16.95 -5.82
CA PHE A 441 22.14 17.60 -6.79
C PHE A 441 21.56 17.37 -8.18
N TYR A 442 21.85 18.27 -9.10
CA TYR A 442 21.48 18.08 -10.50
C TYR A 442 22.81 18.11 -11.25
N TYR A 443 23.08 17.13 -12.07
CA TYR A 443 24.29 17.10 -12.88
C TYR A 443 23.90 17.06 -14.37
N SER A 444 24.58 17.85 -15.19
CA SER A 444 24.40 17.81 -16.63
C SER A 444 25.65 18.22 -17.38
N ASP A 445 26.02 17.40 -18.33
CA ASP A 445 27.12 17.63 -19.27
C ASP A 445 26.60 17.89 -20.69
N SER A 446 25.29 18.07 -20.88
CA SER A 446 24.72 18.35 -22.19
C SER A 446 25.03 19.81 -22.60
N PRO A 447 25.09 20.10 -23.90
CA PRO A 447 25.40 21.48 -24.31
C PRO A 447 24.42 22.54 -23.81
N CYS A 448 24.94 23.75 -23.61
CA CYS A 448 24.13 24.88 -23.18
C CYS A 448 23.46 25.46 -24.43
N GLU A 449 22.19 25.13 -24.65
CA GLU A 449 21.40 25.55 -25.80
C GLU A 449 19.92 25.37 -25.47
N SER A 450 19.12 26.45 -25.59
CA SER A 450 17.70 26.50 -25.22
C SER A 450 16.74 25.60 -26.05
N HIS A 451 16.53 25.88 -27.37
CA HIS A 451 15.63 25.10 -28.23
C HIS A 451 14.15 25.11 -27.79
N GLY A 452 13.32 25.81 -28.56
CA GLY A 452 11.89 25.92 -28.30
C GLY A 452 11.42 27.32 -28.01
N ILE A 459 5.88 29.02 -20.16
CA ILE A 459 7.13 28.74 -19.46
C ILE A 459 8.03 29.98 -19.45
N ASP A 460 7.94 30.83 -18.40
CA ASP A 460 8.78 32.04 -18.37
C ASP A 460 10.02 31.86 -17.43
N TYR A 461 10.83 32.92 -17.22
CA TYR A 461 12.11 32.77 -16.53
C TYR A 461 12.50 33.81 -15.48
N VAL A 462 13.16 33.31 -14.42
CA VAL A 462 13.83 34.02 -13.33
C VAL A 462 15.22 33.35 -13.31
N PRO A 463 16.31 34.11 -13.39
CA PRO A 463 17.65 33.47 -13.41
C PRO A 463 17.91 32.56 -12.23
N LEU A 464 18.34 31.31 -12.49
CA LEU A 464 18.57 30.36 -11.42
C LEU A 464 19.93 30.55 -10.77
N LYS A 465 19.97 30.55 -9.43
CA LYS A 465 21.21 30.61 -8.65
C LYS A 465 21.16 29.42 -7.70
N SER A 466 22.13 28.50 -7.82
CA SER A 466 22.12 27.29 -6.98
C SER A 466 23.47 26.64 -6.92
N ALA A 467 23.90 26.27 -5.71
CA ALA A 467 25.16 25.56 -5.55
C ALA A 467 25.06 24.10 -6.05
N THR A 468 23.85 23.54 -6.20
CA THR A 468 23.68 22.15 -6.58
C THR A 468 23.33 21.95 -8.08
N CYS A 469 23.45 22.99 -8.92
CA CYS A 469 23.22 22.85 -10.36
C CYS A 469 24.62 22.63 -10.92
N ILE A 470 25.04 21.39 -11.04
CA ILE A 470 26.38 21.05 -11.50
C ILE A 470 26.44 20.97 -13.03
N THR A 471 26.72 22.12 -13.62
CA THR A 471 26.80 22.30 -15.07
C THR A 471 27.99 23.20 -15.41
N ARG A 472 28.43 23.17 -16.69
CA ARG A 472 29.48 24.00 -17.26
C ARG A 472 29.12 25.47 -17.11
N CYS A 473 27.82 25.81 -17.27
CA CYS A 473 27.37 27.19 -17.18
C CYS A 473 27.43 27.71 -15.74
N ASN A 474 27.13 26.87 -14.76
CA ASN A 474 27.23 27.27 -13.36
C ASN A 474 28.72 27.39 -12.94
N LEU A 475 29.58 26.53 -13.51
CA LEU A 475 31.01 26.57 -13.29
C LEU A 475 31.56 27.90 -13.83
N GLY A 476 31.07 28.28 -15.02
CA GLY A 476 31.41 29.51 -15.71
C GLY A 476 30.71 30.76 -15.18
N GLY A 477 30.00 30.65 -14.06
CA GLY A 477 29.38 31.81 -13.43
C GLY A 477 27.88 32.00 -13.56
N ALA A 478 27.28 31.72 -14.72
CA ALA A 478 25.84 31.96 -14.91
C ALA A 478 25.05 30.79 -15.52
N VAL A 479 24.10 30.19 -14.77
CA VAL A 479 23.30 29.09 -15.32
C VAL A 479 22.50 29.50 -16.58
N CYS A 480 22.67 28.76 -17.69
CA CYS A 480 21.94 29.02 -18.93
C CYS A 480 20.44 28.67 -18.76
N ARG A 481 19.56 29.19 -19.64
CA ARG A 481 18.14 28.93 -19.52
C ARG A 481 17.79 27.42 -19.65
N HIS A 482 18.47 26.69 -20.55
CA HIS A 482 18.21 25.28 -20.72
C HIS A 482 18.47 24.48 -19.42
N HIS A 483 19.66 24.66 -18.82
CA HIS A 483 20.02 23.96 -17.61
C HIS A 483 19.19 24.40 -16.41
N ALA A 484 18.67 25.64 -16.40
CA ALA A 484 17.79 26.15 -15.36
C ALA A 484 16.44 25.47 -15.47
N ASN A 485 15.92 25.30 -16.71
CA ASN A 485 14.62 24.62 -16.92
C ASN A 485 14.73 23.16 -16.55
N GLU A 486 15.86 22.51 -16.91
CA GLU A 486 16.10 21.10 -16.63
C GLU A 486 16.33 20.85 -15.16
N TYR A 487 16.96 21.81 -14.46
CA TYR A 487 17.24 21.69 -13.05
C TYR A 487 15.94 21.70 -12.27
N ARG A 488 15.04 22.63 -12.61
CA ARG A 488 13.78 22.80 -11.89
C ARG A 488 12.85 21.64 -12.11
N LEU A 489 12.87 21.06 -13.32
CA LEU A 489 12.11 19.89 -13.68
C LEU A 489 12.63 18.69 -12.89
N TYR A 490 13.98 18.55 -12.79
CA TYR A 490 14.63 17.49 -12.04
C TYR A 490 14.38 17.62 -10.55
N LEU A 491 14.42 18.83 -10.01
CA LEU A 491 14.10 19.08 -8.61
C LEU A 491 12.63 18.67 -8.32
N ASP A 492 11.71 18.96 -9.26
CA ASP A 492 10.30 18.59 -9.07
C ASP A 492 10.16 17.08 -9.05
N ALA A 493 10.85 16.39 -9.99
CA ALA A 493 10.84 14.94 -10.07
C ALA A 493 11.44 14.33 -8.77
N TYR A 494 12.55 14.88 -8.31
CA TYR A 494 13.21 14.46 -7.11
C TYR A 494 12.30 14.57 -5.87
N ASN A 495 11.63 15.73 -5.70
CA ASN A 495 10.74 15.96 -4.56
C ASN A 495 9.52 15.02 -4.61
N MET A 496 9.04 14.71 -5.81
CA MET A 496 7.92 13.80 -6.01
C MET A 496 8.30 12.40 -5.46
N MET A 497 9.49 11.90 -5.84
CA MET A 497 10.00 10.60 -5.44
C MET A 497 10.23 10.47 -3.91
N ILE A 498 10.81 11.51 -3.30
CA ILE A 498 11.09 11.52 -1.87
C ILE A 498 9.77 11.53 -1.09
N SER A 499 8.85 12.38 -1.52
CA SER A 499 7.57 12.51 -0.86
C SER A 499 6.69 11.24 -1.05
N ALA A 500 6.90 10.48 -2.13
CA ALA A 500 6.21 9.20 -2.32
C ALA A 500 6.71 8.11 -1.32
N GLY A 501 7.80 8.37 -0.59
CA GLY A 501 8.34 7.44 0.39
C GLY A 501 9.72 6.87 0.11
N PHE A 502 10.28 7.11 -1.09
CA PHE A 502 11.61 6.59 -1.40
C PHE A 502 12.71 7.37 -0.70
N SER A 503 13.77 6.68 -0.27
CA SER A 503 14.92 7.29 0.39
C SER A 503 16.19 6.87 -0.34
N LEU A 504 17.14 7.80 -0.52
CA LEU A 504 18.39 7.55 -1.24
C LEU A 504 19.62 7.56 -0.36
N TRP A 505 20.49 6.57 -0.55
CA TRP A 505 21.68 6.37 0.26
C TRP A 505 22.89 6.10 -0.65
N VAL A 506 24.09 6.53 -0.22
CA VAL A 506 25.28 6.38 -1.04
C VAL A 506 26.52 6.10 -0.20
N TYR A 507 27.58 5.53 -0.85
CA TYR A 507 28.88 5.33 -0.23
C TYR A 507 29.44 6.64 0.33
N LYS A 508 30.06 6.58 1.53
CA LYS A 508 30.53 7.78 2.24
C LYS A 508 31.51 8.68 1.48
N GLN A 509 32.25 8.17 0.50
CA GLN A 509 33.22 8.98 -0.26
C GLN A 509 32.57 9.82 -1.38
N PHE A 510 31.27 9.61 -1.65
CA PHE A 510 30.57 10.36 -2.70
C PHE A 510 30.60 11.85 -2.43
N ASP A 511 31.13 12.61 -3.37
CA ASP A 511 31.27 14.05 -3.24
C ASP A 511 30.98 14.67 -4.57
N THR A 512 29.99 15.57 -4.63
CA THR A 512 29.67 16.25 -5.90
C THR A 512 30.77 17.19 -6.38
N TYR A 513 31.70 17.59 -5.47
CA TYR A 513 32.84 18.41 -5.84
C TYR A 513 33.69 17.74 -6.93
N ASN A 514 33.66 16.39 -6.98
CA ASN A 514 34.38 15.61 -7.98
C ASN A 514 33.74 15.67 -9.38
N LEU A 515 32.52 16.19 -9.52
CA LEU A 515 31.88 16.31 -10.84
C LEU A 515 32.29 17.57 -11.62
N TRP A 516 32.77 18.62 -10.94
CA TRP A 516 33.16 19.86 -11.61
C TRP A 516 34.31 19.68 -12.63
N ASN A 517 35.28 18.79 -12.35
CA ASN A 517 36.37 18.54 -13.30
C ASN A 517 35.98 17.65 -14.48
N THR A 518 34.69 17.25 -14.60
CA THR A 518 34.25 16.51 -15.78
C THR A 518 33.91 17.47 -16.96
N PHE A 519 34.18 18.79 -16.79
CA PHE A 519 34.04 19.88 -17.77
C PHE A 519 35.44 20.53 -17.86
N THR A 520 36.27 20.06 -18.80
CA THR A 520 37.64 20.56 -18.96
C THR A 520 37.97 20.83 -20.44
ZN ZN B . -0.16 -7.69 12.35
ZN ZN C . 24.05 25.39 -19.38
ZN ZN D . -20.21 11.16 -6.25
P PO4 E . -10.55 -0.62 -6.38
O1 PO4 E . -11.25 0.76 -6.53
O2 PO4 E . -8.99 -0.45 -6.06
O3 PO4 E . -10.73 -1.42 -7.75
O4 PO4 E . -11.19 -1.42 -5.14
P PO4 F . 19.81 17.22 -19.55
O1 PO4 F . 19.64 18.39 -20.56
O2 PO4 F . 21.37 16.89 -19.35
O3 PO4 F . 19.17 17.57 -18.12
O4 PO4 F . 19.07 15.91 -20.11
C01 JGA G . 13.57 -5.71 -7.02
C02 JGA G . 13.36 -4.25 -7.27
N03 JGA G . 12.00 -3.83 -6.99
C04 JGA G . 11.11 -3.69 -7.99
O05 JGA G . 11.28 -4.22 -9.10
N06 JGA G . 10.04 -2.85 -7.74
C07 JGA G . 9.62 -2.15 -6.59
C08 JGA G . 9.87 -2.43 -5.25
C09 JGA G . 9.26 -1.47 -4.56
O10 JGA G . 8.66 -0.62 -5.41
N11 JGA G . 8.92 -1.06 -6.71
C12 JGA G . 9.11 -1.15 -3.12
C01 JGA H . -26.50 -15.90 10.55
C02 JGA H . -27.51 -15.18 11.38
N03 JGA H . -28.23 -16.06 12.29
C04 JGA H . -28.95 -15.57 13.32
O05 JGA H . -29.04 -14.36 13.55
N06 JGA H . -29.58 -16.52 14.14
C07 JGA H . -29.46 -17.91 14.15
C08 JGA H . -29.80 -18.72 15.24
C09 JGA H . -29.56 -19.98 14.85
O10 JGA H . -29.12 -19.96 13.58
N11 JGA H . -29.07 -18.64 13.13
C12 JGA H . -29.70 -21.30 15.48
#